data_9JIR
#
_entry.id   9JIR
#
_cell.length_a   43.252
_cell.length_b   84.398
_cell.length_c   63.368
_cell.angle_alpha   90.00
_cell.angle_beta   90.00
_cell.angle_gamma   90.00
#
_symmetry.space_group_name_H-M   'P 21 21 2'
#
loop_
_entity.id
_entity.type
_entity.pdbx_description
1 polymer Transthyretin
2 non-polymer ioxynil
3 water water
#
_entity_poly.entity_id   1
_entity_poly.type   'polypeptide(L)'
_entity_poly.pdbx_seq_one_letter_code
;MRGSHHHHHHGSMASHRLLLLCLAGLVFVSEAGPTGTGESKCPLMVKVLDAVRGSPAINVAMHVFRKAADDTWEPFASGK
TSESGELHGLTTEEEFVEGIYKVEIDTKSYWKALGISPFHEHAEVVFTANDSGPRRYTIAALLSPYSYSTTAVVTNPKE
;
_entity_poly.pdbx_strand_id   A,B
#
# COMPACT_ATOMS: atom_id res chain seq x y z
N CYS A 42 9.05 -15.78 -16.13
CA CYS A 42 8.28 -15.25 -15.02
C CYS A 42 9.04 -14.16 -14.27
N PRO A 43 9.01 -12.93 -14.80
CA PRO A 43 9.73 -11.82 -14.15
C PRO A 43 8.96 -11.14 -13.03
N LEU A 44 7.71 -11.54 -12.78
CA LEU A 44 6.92 -10.94 -11.71
C LEU A 44 6.16 -12.05 -11.02
N MET A 45 6.40 -12.23 -9.71
CA MET A 45 5.69 -13.20 -8.90
C MET A 45 5.22 -12.51 -7.62
N VAL A 46 4.02 -12.84 -7.18
CA VAL A 46 3.47 -12.27 -5.95
C VAL A 46 3.13 -13.41 -5.01
N LYS A 47 3.53 -13.30 -3.76
CA LYS A 47 3.27 -14.31 -2.75
C LYS A 47 2.58 -13.64 -1.57
N VAL A 48 1.51 -14.26 -1.07
CA VAL A 48 0.69 -13.67 -0.02
C VAL A 48 0.56 -14.67 1.11
N LEU A 49 0.84 -14.22 2.34
CA LEU A 49 0.78 -15.04 3.54
C LEU A 49 -0.25 -14.48 4.52
N ASP A 50 -0.88 -15.38 5.25
CA ASP A 50 -1.90 -15.05 6.25
C ASP A 50 -1.25 -15.15 7.63
N ALA A 51 -1.07 -14.00 8.29
CA ALA A 51 -0.41 -13.93 9.59
C ALA A 51 -1.32 -14.29 10.76
N VAL A 52 -2.62 -14.47 10.51
CA VAL A 52 -3.53 -14.90 11.58
C VAL A 52 -3.50 -16.41 11.69
N ARG A 53 -3.51 -17.11 10.56
CA ARG A 53 -3.61 -18.55 10.53
C ARG A 53 -2.28 -19.25 10.30
N GLY A 54 -1.24 -18.52 9.92
CA GLY A 54 0.05 -19.13 9.67
C GLY A 54 0.00 -20.04 8.45
N SER A 55 -0.53 -19.51 7.36
CA SER A 55 -0.75 -20.29 6.15
C SER A 55 -0.51 -19.40 4.96
N PRO A 56 -0.27 -19.96 3.77
CA PRO A 56 -0.42 -19.17 2.56
C PRO A 56 -1.82 -18.61 2.51
N ALA A 57 -1.96 -17.42 1.94
CA ALA A 57 -3.27 -16.85 1.67
C ALA A 57 -3.69 -17.31 0.28
N ILE A 58 -4.64 -18.23 0.23
CA ILE A 58 -5.02 -18.93 -1.00
C ILE A 58 -6.19 -18.20 -1.64
N ASN A 59 -6.24 -18.21 -2.98
CA ASN A 59 -7.34 -17.65 -3.76
C ASN A 59 -7.50 -16.15 -3.52
N VAL A 60 -6.39 -15.46 -3.31
CA VAL A 60 -6.41 -14.01 -3.17
C VAL A 60 -6.30 -13.41 -4.57
N ALA A 61 -7.28 -12.59 -4.95
CA ALA A 61 -7.28 -11.96 -6.25
C ALA A 61 -6.41 -10.72 -6.24
N MET A 62 -5.76 -10.45 -7.38
CA MET A 62 -5.04 -9.20 -7.51
C MET A 62 -5.12 -8.71 -8.95
N HIS A 63 -5.01 -7.39 -9.08
CA HIS A 63 -5.10 -6.70 -10.35
C HIS A 63 -3.86 -5.83 -10.49
N VAL A 64 -3.18 -5.94 -11.63
CA VAL A 64 -1.94 -5.22 -11.89
C VAL A 64 -2.19 -4.19 -12.97
N PHE A 65 -1.81 -2.96 -12.69
CA PHE A 65 -1.98 -1.83 -13.59
C PHE A 65 -0.60 -1.30 -13.96
N ARG A 66 -0.53 -0.63 -15.09
CA ARG A 66 0.68 0.03 -15.55
C ARG A 66 0.32 1.45 -15.94
N LYS A 67 1.13 2.41 -15.52
CA LYS A 67 0.83 3.81 -15.79
C LYS A 67 1.06 4.12 -17.26
N ALA A 68 0.03 4.67 -17.91
CA ALA A 68 0.09 5.00 -19.33
C ALA A 68 0.76 6.36 -19.52
N ALA A 69 0.99 6.70 -20.78
CA ALA A 69 1.67 7.95 -21.12
C ALA A 69 0.89 9.18 -20.64
N ASP A 70 -0.44 9.08 -20.57
CA ASP A 70 -1.27 10.18 -20.10
C ASP A 70 -1.44 10.19 -18.58
N ASP A 71 -0.62 9.44 -17.85
CA ASP A 71 -0.63 9.38 -16.39
C ASP A 71 -1.87 8.69 -15.81
N THR A 72 -2.58 7.89 -16.59
CA THR A 72 -3.67 7.08 -16.07
C THR A 72 -3.21 5.63 -15.91
N TRP A 73 -3.96 4.89 -15.11
CA TRP A 73 -3.65 3.48 -14.85
C TRP A 73 -4.32 2.61 -15.91
N GLU A 74 -3.53 1.88 -16.66
CA GLU A 74 -4.05 0.97 -17.66
C GLU A 74 -3.97 -0.47 -17.15
N PRO A 75 -4.94 -1.31 -17.52
CA PRO A 75 -4.87 -2.72 -17.10
C PRO A 75 -3.64 -3.41 -17.67
N PHE A 76 -2.99 -4.22 -16.84
CA PHE A 76 -1.80 -4.95 -17.25
C PHE A 76 -1.94 -6.46 -17.10
N ALA A 77 -2.37 -6.95 -15.94
CA ALA A 77 -2.50 -8.38 -15.71
C ALA A 77 -3.35 -8.60 -14.46
N SER A 78 -3.78 -9.83 -14.26
CA SER A 78 -4.52 -10.16 -13.05
C SER A 78 -4.44 -11.67 -12.81
N GLY A 79 -4.79 -12.08 -11.61
CA GLY A 79 -4.82 -13.50 -11.30
C GLY A 79 -5.15 -13.69 -9.84
N LYS A 80 -5.05 -14.95 -9.38
CA LYS A 80 -5.25 -15.21 -7.97
C LYS A 80 -4.21 -16.20 -7.46
N THR A 81 -3.94 -16.12 -6.16
CA THR A 81 -2.91 -16.96 -5.59
C THR A 81 -3.36 -18.41 -5.56
N SER A 82 -2.38 -19.29 -5.69
CA SER A 82 -2.58 -20.73 -5.67
C SER A 82 -2.62 -21.24 -4.23
N GLU A 83 -2.65 -22.57 -4.09
CA GLU A 83 -2.61 -23.22 -2.79
C GLU A 83 -1.33 -22.91 -2.02
N SER A 84 -0.27 -22.50 -2.71
CA SER A 84 0.98 -22.13 -2.07
C SER A 84 1.03 -20.65 -1.71
N GLY A 85 -0.04 -19.90 -1.97
CA GLY A 85 -0.02 -18.47 -1.75
C GLY A 85 0.66 -17.68 -2.85
N GLU A 86 1.07 -18.34 -3.94
CA GLU A 86 1.85 -17.69 -4.98
C GLU A 86 1.03 -17.51 -6.25
N LEU A 87 1.31 -16.42 -6.95
CA LEU A 87 0.70 -16.15 -8.25
C LEU A 87 1.86 -16.03 -9.23
N HIS A 88 1.98 -17.02 -10.11
CA HIS A 88 2.99 -17.07 -11.15
C HIS A 88 2.35 -16.77 -12.50
N GLY A 89 3.18 -16.40 -13.46
CA GLY A 89 2.71 -16.27 -14.82
C GLY A 89 1.92 -15.03 -15.15
N LEU A 90 1.98 -13.99 -14.30
CA LEU A 90 1.26 -12.75 -14.60
C LEU A 90 1.69 -12.15 -15.93
N THR A 91 2.98 -12.24 -16.27
CA THR A 91 3.50 -11.57 -17.45
C THR A 91 4.66 -12.38 -18.02
N THR A 92 5.26 -11.83 -19.09
CA THR A 92 6.40 -12.44 -19.76
C THR A 92 7.52 -11.42 -19.81
N GLU A 93 8.74 -11.89 -20.10
CA GLU A 93 9.87 -10.99 -20.22
C GLU A 93 9.63 -9.96 -21.33
N GLU A 94 8.98 -10.37 -22.42
CA GLU A 94 8.77 -9.47 -23.54
C GLU A 94 7.77 -8.37 -23.19
N GLU A 95 6.73 -8.73 -22.45
CA GLU A 95 5.65 -7.79 -22.15
C GLU A 95 6.00 -6.86 -20.99
N PHE A 96 6.88 -7.31 -20.08
CA PHE A 96 7.15 -6.59 -18.83
C PHE A 96 8.26 -5.56 -19.08
N VAL A 97 7.88 -4.46 -19.73
CA VAL A 97 8.78 -3.36 -20.06
C VAL A 97 8.96 -2.42 -18.87
N GLU A 98 9.88 -1.46 -19.01
CA GLU A 98 9.97 -0.35 -18.06
C GLU A 98 8.60 0.26 -17.83
N GLY A 99 8.37 0.69 -16.61
CA GLY A 99 7.15 1.45 -16.33
C GLY A 99 6.92 1.52 -14.84
N ILE A 100 5.87 2.23 -14.48
CA ILE A 100 5.37 2.26 -13.11
C ILE A 100 4.19 1.31 -13.05
N TYR A 101 4.29 0.32 -12.16
CA TYR A 101 3.28 -0.73 -12.02
C TYR A 101 2.63 -0.61 -10.65
N LYS A 102 1.36 -0.97 -10.59
CA LYS A 102 0.61 -1.01 -9.35
C LYS A 102 -0.04 -2.37 -9.23
N VAL A 103 0.29 -3.10 -8.17
CA VAL A 103 -0.38 -4.35 -7.82
C VAL A 103 -1.38 -4.05 -6.72
N GLU A 104 -2.65 -4.33 -6.98
CA GLU A 104 -3.72 -4.14 -6.03
C GLU A 104 -4.20 -5.51 -5.59
N ILE A 105 -3.92 -5.86 -4.34
CA ILE A 105 -4.24 -7.18 -3.80
C ILE A 105 -5.55 -7.08 -3.04
N ASP A 106 -6.54 -7.89 -3.41
CA ASP A 106 -7.87 -7.81 -2.80
C ASP A 106 -7.90 -8.51 -1.45
N THR A 107 -7.29 -7.86 -0.47
CA THR A 107 -7.24 -8.40 0.87
C THR A 107 -8.60 -8.35 1.57
N LYS A 108 -9.44 -7.38 1.20
CA LYS A 108 -10.73 -7.24 1.88
C LYS A 108 -11.61 -8.46 1.65
N SER A 109 -11.70 -8.93 0.40
CA SER A 109 -12.50 -10.12 0.13
C SER A 109 -11.97 -11.34 0.87
N TYR A 110 -10.64 -11.46 0.95
CA TYR A 110 -10.04 -12.59 1.66
C TYR A 110 -10.49 -12.62 3.11
N TRP A 111 -10.38 -11.49 3.82
CA TRP A 111 -10.76 -11.48 5.22
C TRP A 111 -12.27 -11.68 5.39
N LYS A 112 -13.05 -11.02 4.54
CA LYS A 112 -14.50 -11.11 4.68
C LYS A 112 -14.99 -12.55 4.55
N ALA A 113 -14.38 -13.32 3.65
CA ALA A 113 -14.76 -14.72 3.48
C ALA A 113 -14.47 -15.55 4.73
N LEU A 114 -13.53 -15.12 5.55
CA LEU A 114 -13.24 -15.74 6.84
C LEU A 114 -14.10 -15.18 7.97
N GLY A 115 -15.03 -14.28 7.66
CA GLY A 115 -15.86 -13.65 8.68
C GLY A 115 -15.21 -12.49 9.40
N ILE A 116 -14.12 -11.95 8.88
CA ILE A 116 -13.40 -10.84 9.49
C ILE A 116 -13.68 -9.58 8.70
N SER A 117 -13.96 -8.48 9.41
CA SER A 117 -14.13 -7.18 8.77
C SER A 117 -12.80 -6.44 8.87
N PRO A 118 -11.99 -6.40 7.82
CA PRO A 118 -10.64 -5.86 7.94
C PRO A 118 -10.62 -4.36 7.74
N PHE A 119 -9.43 -3.78 7.96
CA PHE A 119 -9.28 -2.33 7.86
C PHE A 119 -9.15 -1.86 6.41
N HIS A 120 -8.28 -2.49 5.64
CA HIS A 120 -7.92 -1.96 4.33
C HIS A 120 -8.87 -2.46 3.25
N GLU A 121 -9.06 -1.62 2.23
CA GLU A 121 -9.77 -2.05 1.04
C GLU A 121 -8.94 -3.05 0.25
N HIS A 122 -7.64 -2.83 0.18
CA HIS A 122 -6.74 -3.69 -0.55
C HIS A 122 -5.33 -3.35 -0.07
N ALA A 123 -4.38 -4.20 -0.42
CA ALA A 123 -2.97 -3.92 -0.20
C ALA A 123 -2.40 -3.53 -1.55
N GLU A 124 -1.76 -2.36 -1.61
CA GLU A 124 -1.27 -1.79 -2.85
C GLU A 124 0.25 -1.82 -2.86
N VAL A 125 0.82 -2.06 -4.04
CA VAL A 125 2.26 -2.04 -4.23
C VAL A 125 2.54 -1.28 -5.52
N VAL A 126 3.15 -0.10 -5.43
CA VAL A 126 3.41 0.76 -6.58
C VAL A 126 4.92 0.94 -6.73
N PHE A 127 5.45 0.64 -7.92
CA PHE A 127 6.89 0.61 -8.07
C PHE A 127 7.27 0.84 -9.53
N THR A 128 8.45 1.44 -9.74
CA THR A 128 9.06 1.49 -11.06
C THR A 128 9.83 0.20 -11.31
N ALA A 129 9.60 -0.42 -12.46
CA ALA A 129 10.24 -1.68 -12.80
C ALA A 129 11.17 -1.48 -13.98
N ASN A 130 12.30 -2.20 -13.95
CA ASN A 130 13.20 -2.38 -15.09
C ASN A 130 13.89 -1.10 -15.54
N ASP A 131 13.99 -0.11 -14.64
CA ASP A 131 14.58 1.18 -14.96
C ASP A 131 16.01 1.05 -15.46
N SER A 132 16.75 0.04 -14.97
CA SER A 132 18.14 -0.17 -15.33
C SER A 132 18.33 -1.51 -16.04
N GLY A 133 17.35 -1.93 -16.82
CA GLY A 133 17.40 -3.21 -17.49
C GLY A 133 16.47 -4.22 -16.83
N PRO A 134 16.30 -5.37 -17.49
CA PRO A 134 15.32 -6.34 -17.00
C PRO A 134 15.72 -6.90 -15.65
N ARG A 135 14.74 -7.00 -14.76
CA ARG A 135 14.93 -7.62 -13.46
C ARG A 135 13.77 -8.57 -13.20
N ARG A 136 13.98 -9.46 -12.24
CA ARG A 136 12.92 -10.32 -11.76
C ARG A 136 12.47 -9.82 -10.38
N TYR A 137 11.16 -9.77 -10.18
CA TYR A 137 10.57 -9.22 -8.97
C TYR A 137 9.72 -10.28 -8.29
N THR A 138 9.97 -10.48 -7.00
CA THR A 138 9.04 -11.20 -6.13
C THR A 138 8.51 -10.20 -5.12
N ILE A 139 7.19 -10.08 -5.07
CA ILE A 139 6.50 -9.20 -4.14
C ILE A 139 5.86 -10.11 -3.10
N ALA A 140 6.18 -9.91 -1.84
CA ALA A 140 5.54 -10.64 -0.76
C ALA A 140 4.65 -9.72 0.03
N ALA A 141 3.46 -10.20 0.35
CA ALA A 141 2.53 -9.47 1.21
C ALA A 141 2.17 -10.34 2.40
N LEU A 142 2.35 -9.80 3.59
CA LEU A 142 2.05 -10.49 4.84
C LEU A 142 0.82 -9.81 5.46
N LEU A 143 -0.28 -10.55 5.58
CA LEU A 143 -1.58 -9.96 5.86
C LEU A 143 -2.09 -10.24 7.26
N SER A 144 -2.58 -9.20 7.93
CA SER A 144 -3.40 -9.27 9.12
C SER A 144 -4.60 -8.37 8.92
N PRO A 145 -5.68 -8.56 9.67
CA PRO A 145 -6.88 -7.75 9.41
C PRO A 145 -6.66 -6.25 9.50
N TYR A 146 -5.79 -5.78 10.39
CA TYR A 146 -5.56 -4.34 10.55
C TYR A 146 -4.13 -3.93 10.20
N SER A 147 -3.39 -4.76 9.48
CA SER A 147 -2.00 -4.46 9.19
C SER A 147 -1.53 -5.30 8.03
N TYR A 148 -0.68 -4.74 7.18
CA TYR A 148 0.01 -5.59 6.22
C TYR A 148 1.40 -5.05 5.99
N SER A 149 2.29 -5.95 5.59
CA SER A 149 3.60 -5.56 5.14
C SER A 149 3.80 -6.06 3.73
N THR A 150 4.61 -5.33 2.98
CA THR A 150 4.93 -5.74 1.64
C THR A 150 6.40 -5.50 1.38
N THR A 151 7.04 -6.50 0.79
CA THR A 151 8.48 -6.51 0.60
C THR A 151 8.75 -6.99 -0.81
N ALA A 152 9.81 -6.47 -1.40
CA ALA A 152 10.22 -6.88 -2.74
C ALA A 152 11.61 -7.48 -2.69
N VAL A 153 11.77 -8.60 -3.40
CA VAL A 153 13.07 -9.18 -3.68
C VAL A 153 13.31 -8.99 -5.17
N VAL A 154 14.36 -8.27 -5.52
CA VAL A 154 14.66 -7.91 -6.91
C VAL A 154 15.97 -8.55 -7.28
N THR A 155 15.97 -9.34 -8.36
CA THR A 155 17.16 -10.06 -8.77
C THR A 155 17.49 -9.78 -10.22
N ASN A 156 18.77 -9.92 -10.55
CA ASN A 156 19.26 -9.68 -11.90
C ASN A 156 19.50 -11.04 -12.54
N PRO A 157 18.73 -11.43 -13.58
CA PRO A 157 18.77 -12.75 -14.21
C PRO A 157 20.12 -13.09 -14.83
N CYS B 42 -8.61 14.48 17.42
CA CYS B 42 -7.72 14.09 16.33
C CYS B 42 -8.28 12.87 15.60
N PRO B 43 -9.21 13.12 14.68
CA PRO B 43 -9.88 11.99 13.98
C PRO B 43 -8.96 11.15 13.11
N LEU B 44 -7.90 11.73 12.55
CA LEU B 44 -6.99 10.99 11.68
C LEU B 44 -5.59 11.50 11.92
N MET B 45 -4.69 10.59 12.31
CA MET B 45 -3.29 10.90 12.53
C MET B 45 -2.46 9.85 11.82
N VAL B 46 -1.34 10.25 11.25
CA VAL B 46 -0.43 9.33 10.57
C VAL B 46 0.93 9.44 11.22
N LYS B 47 1.52 8.30 11.56
CA LYS B 47 2.84 8.25 12.18
C LYS B 47 3.74 7.41 11.30
N VAL B 48 4.95 7.91 11.02
CA VAL B 48 5.87 7.25 10.10
C VAL B 48 7.21 7.06 10.80
N LEU B 49 7.73 5.84 10.74
CA LEU B 49 8.98 5.48 11.38
C LEU B 49 9.96 4.95 10.34
N ASP B 50 11.25 5.19 10.60
CA ASP B 50 12.35 4.76 9.75
C ASP B 50 12.99 3.54 10.40
N ALA B 51 12.81 2.38 9.76
CA ALA B 51 13.27 1.11 10.29
C ALA B 51 14.76 0.86 10.02
N VAL B 52 15.38 1.70 9.19
CA VAL B 52 16.81 1.59 8.94
C VAL B 52 17.61 2.32 10.02
N ARG B 53 17.17 3.52 10.36
CA ARG B 53 17.90 4.37 11.28
C ARG B 53 17.35 4.32 12.70
N GLY B 54 16.17 3.75 12.90
CA GLY B 54 15.61 3.66 14.23
C GLY B 54 15.18 5.03 14.75
N SER B 55 14.39 5.73 13.95
CA SER B 55 14.04 7.09 14.27
C SER B 55 12.66 7.37 13.69
N PRO B 56 11.99 8.42 14.16
CA PRO B 56 10.85 8.94 13.41
C PRO B 56 11.30 9.34 12.01
N ALA B 57 10.40 9.19 11.05
CA ALA B 57 10.65 9.64 9.69
C ALA B 57 10.09 11.04 9.57
N ILE B 58 10.97 12.03 9.51
CA ILE B 58 10.63 13.45 9.61
C ILE B 58 10.49 14.04 8.21
N ASN B 59 9.56 14.98 8.08
CA ASN B 59 9.36 15.71 6.82
C ASN B 59 8.89 14.81 5.70
N VAL B 60 8.17 13.75 6.04
CA VAL B 60 7.59 12.87 5.04
C VAL B 60 6.25 13.47 4.58
N ALA B 61 6.15 13.75 3.29
CA ALA B 61 4.96 14.34 2.72
C ALA B 61 3.93 13.28 2.39
N MET B 62 2.65 13.63 2.53
CA MET B 62 1.59 12.74 2.12
C MET B 62 0.37 13.55 1.74
N HIS B 63 -0.44 12.98 0.85
CA HIS B 63 -1.75 13.52 0.51
C HIS B 63 -2.80 12.48 0.87
N VAL B 64 -3.97 12.95 1.28
CA VAL B 64 -5.12 12.11 1.56
C VAL B 64 -6.20 12.43 0.55
N PHE B 65 -6.82 11.40 -0.01
CA PHE B 65 -7.90 11.55 -0.98
C PHE B 65 -9.11 10.79 -0.48
N ARG B 66 -10.27 11.17 -1.00
CA ARG B 66 -11.52 10.49 -0.71
C ARG B 66 -12.16 10.10 -2.03
N LYS B 67 -12.62 8.86 -2.13
CA LYS B 67 -13.15 8.36 -3.39
C LYS B 67 -14.48 9.01 -3.69
N ALA B 68 -14.61 9.54 -4.91
CA ALA B 68 -15.84 10.17 -5.38
C ALA B 68 -16.80 9.14 -5.96
N ALA B 69 -18.03 9.58 -6.20
CA ALA B 69 -19.07 8.68 -6.71
C ALA B 69 -18.73 8.13 -8.09
N ASP B 70 -17.90 8.82 -8.86
CA ASP B 70 -17.44 8.34 -10.15
C ASP B 70 -16.15 7.54 -10.06
N ASP B 71 -15.74 7.14 -8.86
CA ASP B 71 -14.55 6.34 -8.55
C ASP B 71 -13.23 7.10 -8.70
N THR B 72 -13.27 8.40 -8.98
CA THR B 72 -12.04 9.19 -8.98
C THR B 72 -11.66 9.57 -7.56
N TRP B 73 -10.41 9.99 -7.38
CA TRP B 73 -9.88 10.34 -6.07
C TRP B 73 -9.91 11.86 -5.91
N GLU B 74 -10.72 12.33 -4.97
CA GLU B 74 -10.84 13.76 -4.71
C GLU B 74 -9.89 14.17 -3.59
N PRO B 75 -9.19 15.30 -3.77
CA PRO B 75 -8.30 15.78 -2.71
C PRO B 75 -9.06 16.01 -1.41
N PHE B 76 -8.46 15.55 -0.31
CA PHE B 76 -9.11 15.66 1.00
C PHE B 76 -8.27 16.38 2.06
N ALA B 77 -7.00 16.02 2.20
CA ALA B 77 -6.13 16.62 3.20
C ALA B 77 -4.69 16.36 2.79
N SER B 78 -3.75 17.01 3.47
CA SER B 78 -2.34 16.71 3.23
C SER B 78 -1.48 17.33 4.33
N GLY B 79 -0.20 16.99 4.30
CA GLY B 79 0.76 17.56 5.23
C GLY B 79 2.07 16.78 5.19
N LYS B 80 2.97 17.15 6.10
CA LYS B 80 4.19 16.39 6.26
C LYS B 80 4.44 16.09 7.73
N THR B 81 5.15 14.98 7.98
CA THR B 81 5.37 14.59 9.36
C THR B 81 6.28 15.56 10.09
N SER B 82 6.04 15.69 11.39
CA SER B 82 6.80 16.53 12.28
C SER B 82 8.09 15.82 12.71
N GLU B 83 8.83 16.47 13.61
CA GLU B 83 10.04 15.87 14.13
C GLU B 83 9.78 14.60 14.94
N SER B 84 8.55 14.39 15.39
CA SER B 84 8.17 13.14 16.03
C SER B 84 7.71 12.08 15.05
N GLY B 85 7.74 12.37 13.75
CA GLY B 85 7.22 11.45 12.76
C GLY B 85 5.72 11.45 12.62
N GLU B 86 5.02 12.37 13.28
CA GLU B 86 3.57 12.37 13.31
C GLU B 86 3.02 13.53 12.49
N LEU B 87 1.86 13.28 11.87
CA LEU B 87 1.11 14.30 11.17
C LEU B 87 -0.28 14.35 11.78
N HIS B 88 -0.55 15.43 12.51
CA HIS B 88 -1.82 15.72 13.17
C HIS B 88 -2.57 16.80 12.41
N GLY B 89 -3.84 16.96 12.75
CA GLY B 89 -4.61 18.07 12.20
C GLY B 89 -5.03 17.92 10.75
N LEU B 90 -5.09 16.69 10.23
CA LEU B 90 -5.49 16.49 8.84
C LEU B 90 -6.94 16.85 8.59
N THR B 91 -7.83 16.56 9.54
CA THR B 91 -9.25 16.78 9.33
C THR B 91 -9.91 17.07 10.68
N THR B 92 -11.22 17.23 10.66
CA THR B 92 -12.01 17.40 11.87
C THR B 92 -13.08 16.32 11.89
N GLU B 93 -13.67 16.09 13.06
CA GLU B 93 -14.69 15.05 13.13
C GLU B 93 -15.86 15.34 12.20
N GLU B 94 -16.29 16.62 12.12
CA GLU B 94 -17.43 16.97 11.29
C GLU B 94 -17.17 16.71 9.81
N GLU B 95 -15.94 16.93 9.35
CA GLU B 95 -15.60 16.78 7.95
C GLU B 95 -15.31 15.34 7.56
N PHE B 96 -14.93 14.51 8.51
CA PHE B 96 -14.43 13.17 8.25
C PHE B 96 -15.61 12.22 8.37
N VAL B 97 -16.30 12.00 7.26
CA VAL B 97 -17.50 11.18 7.24
C VAL B 97 -17.22 9.90 6.48
N GLU B 98 -18.25 9.06 6.33
CA GLU B 98 -18.07 7.79 5.66
C GLU B 98 -17.52 8.00 4.27
N GLY B 99 -16.56 7.14 3.90
CA GLY B 99 -16.02 7.14 2.57
C GLY B 99 -14.86 6.19 2.53
N ILE B 100 -14.34 5.99 1.34
CA ILE B 100 -13.10 5.28 1.14
C ILE B 100 -12.00 6.33 0.99
N TYR B 101 -10.99 6.23 1.84
CA TYR B 101 -9.90 7.20 1.89
C TYR B 101 -8.61 6.54 1.46
N LYS B 102 -7.74 7.34 0.85
CA LYS B 102 -6.43 6.87 0.41
C LYS B 102 -5.39 7.83 0.97
N VAL B 103 -4.45 7.32 1.73
CA VAL B 103 -3.29 8.07 2.17
C VAL B 103 -2.13 7.67 1.26
N GLU B 104 -1.60 8.62 0.50
CA GLU B 104 -0.45 8.38 -0.37
C GLU B 104 0.77 9.04 0.26
N ILE B 105 1.68 8.23 0.77
CA ILE B 105 2.84 8.70 1.52
C ILE B 105 4.04 8.68 0.57
N ASP B 106 4.69 9.84 0.40
CA ASP B 106 5.83 9.93 -0.52
C ASP B 106 7.09 9.38 0.14
N THR B 107 7.18 8.06 0.17
CA THR B 107 8.33 7.39 0.76
C THR B 107 9.55 7.49 -0.16
N LYS B 108 9.32 7.57 -1.48
CA LYS B 108 10.44 7.63 -2.41
C LYS B 108 11.30 8.86 -2.17
N SER B 109 10.66 10.02 -2.00
CA SER B 109 11.43 11.24 -1.75
C SER B 109 12.20 11.15 -0.45
N TYR B 110 11.62 10.50 0.55
CA TYR B 110 12.29 10.32 1.84
C TYR B 110 13.60 9.57 1.66
N TRP B 111 13.55 8.42 0.98
CA TRP B 111 14.75 7.61 0.81
C TRP B 111 15.76 8.29 -0.11
N LYS B 112 15.28 8.92 -1.17
CA LYS B 112 16.20 9.59 -2.10
C LYS B 112 16.97 10.69 -1.39
N ALA B 113 16.34 11.39 -0.46
CA ALA B 113 17.03 12.41 0.32
C ALA B 113 18.14 11.83 1.19
N LEU B 114 18.07 10.55 1.53
CA LEU B 114 19.11 9.86 2.26
C LEU B 114 20.09 9.13 1.34
N GLY B 115 19.97 9.32 0.03
CA GLY B 115 20.89 8.68 -0.90
C GLY B 115 20.62 7.22 -1.13
N ILE B 116 19.39 6.77 -0.91
CA ILE B 116 19.00 5.39 -1.08
C ILE B 116 17.97 5.31 -2.20
N SER B 117 18.15 4.36 -3.11
CA SER B 117 17.17 4.15 -4.17
C SER B 117 16.17 3.12 -3.68
N PRO B 118 14.94 3.51 -3.39
CA PRO B 118 13.99 2.56 -2.79
C PRO B 118 13.18 1.84 -3.86
N PHE B 119 12.39 0.87 -3.39
CA PHE B 119 11.56 0.09 -4.29
C PHE B 119 10.26 0.81 -4.64
N HIS B 120 9.53 1.29 -3.65
CA HIS B 120 8.18 1.78 -3.88
C HIS B 120 8.19 3.23 -4.36
N GLU B 121 7.22 3.54 -5.23
CA GLU B 121 6.99 4.94 -5.59
C GLU B 121 6.43 5.71 -4.42
N HIS B 122 5.56 5.08 -3.64
CA HIS B 122 4.94 5.68 -2.48
C HIS B 122 4.30 4.53 -1.73
N ALA B 123 3.92 4.78 -0.48
CA ALA B 123 3.18 3.82 0.32
C ALA B 123 1.73 4.28 0.32
N GLU B 124 0.82 3.39 -0.07
CA GLU B 124 -0.59 3.71 -0.17
C GLU B 124 -1.34 2.96 0.92
N VAL B 125 -2.28 3.66 1.57
CA VAL B 125 -3.12 3.07 2.58
C VAL B 125 -4.55 3.43 2.21
N VAL B 126 -5.35 2.43 1.82
CA VAL B 126 -6.71 2.63 1.33
C VAL B 126 -7.66 1.91 2.27
N PHE B 127 -8.66 2.62 2.79
CA PHE B 127 -9.51 2.06 3.82
C PHE B 127 -10.86 2.78 3.83
N THR B 128 -11.90 2.07 4.22
CA THR B 128 -13.17 2.72 4.53
C THR B 128 -13.13 3.24 5.95
N ALA B 129 -13.62 4.46 6.13
CA ALA B 129 -13.64 5.10 7.44
C ALA B 129 -15.04 5.60 7.71
N ASN B 130 -15.40 5.58 9.00
CA ASN B 130 -16.61 6.20 9.53
C ASN B 130 -17.90 5.54 9.05
N ASP B 131 -17.85 4.30 8.55
CA ASP B 131 -19.09 3.69 8.07
C ASP B 131 -20.02 3.31 9.22
N SER B 132 -19.51 3.20 10.45
CA SER B 132 -20.33 3.02 11.63
C SER B 132 -20.37 4.29 12.49
N GLY B 133 -20.27 5.45 11.84
CA GLY B 133 -20.15 6.71 12.54
C GLY B 133 -18.71 7.03 12.88
N PRO B 134 -18.49 8.18 13.53
CA PRO B 134 -17.12 8.62 13.82
C PRO B 134 -16.30 7.59 14.58
N ARG B 135 -15.03 7.47 14.15
CA ARG B 135 -13.99 6.80 14.91
C ARG B 135 -12.73 7.65 14.80
N ARG B 136 -11.77 7.36 15.67
CA ARG B 136 -10.44 7.96 15.61
C ARG B 136 -9.47 6.95 15.01
N TYR B 137 -8.66 7.41 14.06
CA TYR B 137 -7.79 6.52 13.28
C TYR B 137 -6.35 6.99 13.43
N THR B 138 -5.47 6.08 13.83
CA THR B 138 -4.02 6.27 13.72
C THR B 138 -3.50 5.29 12.69
N ILE B 139 -2.85 5.80 11.65
CA ILE B 139 -2.21 5.00 10.62
C ILE B 139 -0.72 5.06 10.88
N ALA B 140 -0.09 3.93 11.14
CA ALA B 140 1.36 3.86 11.32
C ALA B 140 1.97 3.23 10.08
N ALA B 141 3.10 3.79 9.65
CA ALA B 141 3.85 3.24 8.54
C ALA B 141 5.30 3.07 8.99
N LEU B 142 5.83 1.87 8.80
CA LEU B 142 7.19 1.51 9.20
C LEU B 142 7.95 1.26 7.91
N LEU B 143 8.94 2.11 7.64
CA LEU B 143 9.55 2.20 6.31
C LEU B 143 10.94 1.59 6.25
N SER B 144 11.17 0.79 5.23
CA SER B 144 12.48 0.34 4.81
C SER B 144 12.59 0.55 3.31
N PRO B 145 13.79 0.57 2.75
CA PRO B 145 13.89 0.85 1.31
C PRO B 145 13.11 -0.11 0.42
N TYR B 146 13.08 -1.40 0.75
CA TYR B 146 12.42 -2.40 -0.08
C TYR B 146 11.25 -3.05 0.62
N SER B 147 10.74 -2.43 1.68
CA SER B 147 9.64 -3.02 2.44
C SER B 147 8.97 -1.94 3.26
N TYR B 148 7.65 -2.02 3.37
CA TYR B 148 7.00 -1.21 4.39
C TYR B 148 5.85 -1.99 5.00
N SER B 149 5.54 -1.65 6.23
CA SER B 149 4.36 -2.18 6.89
C SER B 149 3.48 -1.02 7.29
N THR B 150 2.19 -1.29 7.32
CA THR B 150 1.26 -0.28 7.77
C THR B 150 0.23 -0.92 8.66
N THR B 151 -0.11 -0.24 9.74
CA THR B 151 -1.05 -0.75 10.71
C THR B 151 -2.00 0.37 11.08
N ALA B 152 -3.22 0.01 11.42
CA ALA B 152 -4.21 0.97 11.86
C ALA B 152 -4.59 0.67 13.30
N VAL B 153 -4.67 1.73 14.10
CA VAL B 153 -5.29 1.69 15.42
C VAL B 153 -6.55 2.52 15.34
N VAL B 154 -7.70 1.89 15.57
CA VAL B 154 -9.00 2.53 15.43
C VAL B 154 -9.69 2.50 16.78
N THR B 155 -10.13 3.67 17.25
CA THR B 155 -10.74 3.77 18.57
C THR B 155 -12.08 4.49 18.49
N ASN B 156 -13.00 4.10 19.36
CA ASN B 156 -14.30 4.72 19.40
C ASN B 156 -14.27 5.88 20.39
N PRO B 157 -14.60 7.10 19.98
CA PRO B 157 -14.64 8.27 20.88
C PRO B 157 -15.70 8.14 21.97
#